data_7ML8
#
_entry.id   7ML8
#
_cell.length_a   89.644
_cell.length_b   89.644
_cell.length_c   133.729
_cell.angle_alpha   90.000
_cell.angle_beta   90.000
_cell.angle_gamma   90.000
#
_symmetry.space_group_name_H-M   'I 4 2 2'
#
loop_
_entity.id
_entity.type
_entity.pdbx_description
1 polymer 'Polymerase acidic protein'
2 non-polymer 'GLUTAMIC ACID'
3 non-polymer 5-hydroxy-N-[2-(4-hydroxy-3-methoxyphenyl)ethyl]-6-oxo-2-phenyl-1,6-dihydropyrimidine-4-carboxamide
4 non-polymer 'Hexa Vinylpyrrolidone K15'
5 non-polymer 'MANGANESE (II) ION'
6 non-polymer 'SULFATE ION'
7 water water
#
_entity_poly.entity_id   1
_entity_poly.type   'polypeptide(L)'
_entity_poly.pdbx_seq_one_letter_code
;MGSSHHHHHHSSGLVPRGSHMEDFVRQCFNPMIVELAEKAMKEYGEDPKIETNKFAATCTHLEVCFMYSDGGSKHRFEII
EGRDRIMAWTVVNSICNTTGVEKPKFLPDLYDYKENRFIEIGVTRREVHIYYLEKANKIKSEKTHIHIFSFTGEEMATKA
DYTLDEESRARIKTRLFTIRQEMASRSLWDSFRQSER
;
_entity_poly.pdbx_strand_id   A
#
# COMPACT_ATOMS: atom_id res chain seq x y z
N ARG A 17 -20.11 14.53 -8.91
CA ARG A 17 -20.37 14.47 -7.48
C ARG A 17 -20.87 13.08 -7.08
N GLY A 18 -22.01 12.68 -7.65
CA GLY A 18 -22.59 11.39 -7.34
C GLY A 18 -22.03 10.27 -8.20
N SER A 19 -20.90 9.70 -7.78
CA SER A 19 -20.24 8.64 -8.51
C SER A 19 -20.48 7.29 -7.84
N HIS A 20 -20.67 6.26 -8.67
CA HIS A 20 -20.86 4.91 -8.14
C HIS A 20 -19.62 4.44 -7.39
N MET A 21 -18.43 4.81 -7.86
CA MET A 21 -17.20 4.36 -7.24
C MET A 21 -17.07 4.89 -5.82
N GLU A 22 -17.54 6.11 -5.57
CA GLU A 22 -17.48 6.69 -4.22
C GLU A 22 -18.31 5.88 -3.25
N ASP A 23 -19.57 5.60 -3.60
CA ASP A 23 -20.43 4.82 -2.73
C ASP A 23 -19.89 3.40 -2.57
N PHE A 24 -19.32 2.83 -3.63
CA PHE A 24 -18.76 1.49 -3.53
C PHE A 24 -17.57 1.47 -2.58
N VAL A 25 -16.71 2.49 -2.64
CA VAL A 25 -15.56 2.56 -1.74
C VAL A 25 -16.02 2.75 -0.31
N ARG A 26 -17.07 3.54 -0.10
CA ARG A 26 -17.58 3.74 1.26
C ARG A 26 -18.27 2.48 1.79
N GLN A 27 -18.81 1.65 0.90
CA GLN A 27 -19.44 0.40 1.30
C GLN A 27 -18.46 -0.76 1.42
N CYS A 28 -17.28 -0.66 0.81
CA CYS A 28 -16.34 -1.77 0.75
C CYS A 28 -15.36 -1.77 1.92
N PHE A 29 -14.65 -0.67 2.13
CA PHE A 29 -13.65 -0.58 3.18
C PHE A 29 -14.28 -0.03 4.46
N ASN A 30 -13.60 -0.30 5.59
CA ASN A 30 -14.09 0.17 6.88
C ASN A 30 -13.92 1.68 6.98
N PRO A 31 -14.67 2.34 7.87
CA PRO A 31 -14.61 3.80 7.95
C PRO A 31 -13.22 4.36 8.25
N MET A 32 -12.40 3.63 9.00
CA MET A 32 -11.10 4.16 9.38
C MET A 32 -10.18 4.31 8.16
N ILE A 33 -10.12 3.28 7.32
CA ILE A 33 -9.29 3.35 6.12
C ILE A 33 -9.82 4.41 5.16
N VAL A 34 -11.14 4.55 5.08
CA VAL A 34 -11.73 5.57 4.22
C VAL A 34 -11.34 6.97 4.71
N GLU A 35 -11.41 7.20 6.02
CA GLU A 35 -11.02 8.49 6.56
C GLU A 35 -9.54 8.77 6.34
N LEU A 36 -8.70 7.75 6.55
CA LEU A 36 -7.26 7.93 6.36
C LEU A 36 -6.94 8.22 4.90
N ALA A 37 -7.62 7.56 3.97
CA ALA A 37 -7.39 7.82 2.55
C ALA A 37 -7.87 9.22 2.18
N GLU A 38 -9.02 9.64 2.71
CA GLU A 38 -9.49 11.00 2.48
C GLU A 38 -8.47 12.03 2.97
N LYS A 39 -7.92 11.81 4.18
CA LYS A 39 -6.92 12.73 4.72
C LYS A 39 -5.68 12.76 3.84
N ALA A 40 -5.17 11.57 3.47
CA ALA A 40 -3.95 11.50 2.67
C ALA A 40 -4.14 12.13 1.30
N MET A 41 -5.33 12.02 0.72
CA MET A 41 -5.56 12.57 -0.61
C MET A 41 -5.79 14.08 -0.56
N LYS A 42 -6.53 14.55 0.46
CA LYS A 42 -6.69 16.00 0.62
C LYS A 42 -5.37 16.68 0.95
N GLU A 43 -4.47 15.95 1.60
CA GLU A 43 -3.16 16.52 1.92
C GLU A 43 -2.37 16.84 0.66
N TYR A 44 -2.52 16.04 -0.39
CA TYR A 44 -1.78 16.20 -1.64
C TYR A 44 -2.61 16.90 -2.71
N GLY A 45 -3.72 17.53 -2.33
CA GLY A 45 -4.52 18.27 -3.28
C GLY A 45 -5.31 17.43 -4.26
N GLU A 46 -5.89 16.32 -3.80
CA GLU A 46 -6.69 15.45 -4.63
C GLU A 46 -8.04 15.21 -3.96
N ASP A 47 -9.11 15.28 -4.75
CA ASP A 47 -10.46 15.18 -4.22
C ASP A 47 -10.95 13.75 -4.31
N PRO A 48 -11.33 13.11 -3.20
CA PRO A 48 -11.92 11.76 -3.30
C PRO A 48 -13.23 11.72 -4.06
N LYS A 49 -13.98 12.82 -4.08
CA LYS A 49 -15.24 12.87 -4.81
C LYS A 49 -15.02 12.94 -6.32
N ILE A 50 -13.85 13.36 -6.77
CA ILE A 50 -13.53 13.48 -8.18
C ILE A 50 -12.57 12.38 -8.62
N GLU A 51 -11.45 12.23 -7.92
CA GLU A 51 -10.48 11.17 -8.22
C GLU A 51 -10.89 9.89 -7.48
N THR A 52 -11.99 9.31 -7.96
CA THR A 52 -12.56 8.15 -7.30
C THR A 52 -11.69 6.91 -7.48
N ASN A 53 -11.06 6.77 -8.66
CA ASN A 53 -10.14 5.66 -8.87
C ASN A 53 -8.95 5.76 -7.93
N LYS A 54 -8.38 6.96 -7.79
CA LYS A 54 -7.30 7.16 -6.83
C LYS A 54 -7.78 6.97 -5.41
N PHE A 55 -9.05 7.26 -5.13
CA PHE A 55 -9.62 7.00 -3.81
C PHE A 55 -9.61 5.50 -3.52
N ALA A 56 -10.13 4.70 -4.44
CA ALA A 56 -10.12 3.25 -4.26
C ALA A 56 -8.69 2.72 -4.15
N ALA A 57 -7.77 3.28 -4.94
CA ALA A 57 -6.38 2.83 -4.89
C ALA A 57 -5.75 3.13 -3.53
N THR A 58 -5.99 4.33 -2.99
CA THR A 58 -5.45 4.67 -1.69
C THR A 58 -6.05 3.78 -0.59
N CYS A 59 -7.35 3.52 -0.65
CA CYS A 59 -7.98 2.65 0.33
C CYS A 59 -7.40 1.24 0.26
N THR A 60 -7.23 0.71 -0.95
CA THR A 60 -6.67 -0.63 -1.12
C THR A 60 -5.24 -0.70 -0.62
N HIS A 61 -4.43 0.32 -0.95
CA HIS A 61 -3.04 0.35 -0.48
C HIS A 61 -2.98 0.40 1.04
N LEU A 62 -3.82 1.22 1.66
CA LEU A 62 -3.84 1.31 3.12
C LEU A 62 -4.22 -0.02 3.75
N GLU A 63 -5.27 -0.67 3.23
CA GLU A 63 -5.69 -1.94 3.79
C GLU A 63 -4.62 -3.02 3.61
N VAL A 64 -3.95 -3.03 2.46
CA VAL A 64 -2.89 -4.00 2.21
C VAL A 64 -1.74 -3.77 3.18
N CYS A 65 -1.34 -2.51 3.38
CA CYS A 65 -0.28 -2.20 4.34
C CYS A 65 -0.67 -2.63 5.75
N PHE A 66 -1.94 -2.45 6.12
CA PHE A 66 -2.37 -2.82 7.46
C PHE A 66 -2.37 -4.33 7.64
N MET A 67 -2.85 -5.08 6.65
CA MET A 67 -2.79 -6.55 6.72
C MET A 67 -1.35 -7.02 6.77
N TYR A 68 -0.46 -6.36 6.03
CA TYR A 68 0.96 -6.70 6.06
C TYR A 68 1.54 -6.52 7.44
N SER A 69 1.31 -5.35 8.04
CA SER A 69 1.82 -5.09 9.39
C SER A 69 1.20 -6.04 10.41
N ASP A 70 -0.05 -6.46 10.19
CA ASP A 70 -0.67 -7.42 11.09
C ASP A 70 -0.11 -8.82 10.90
N GLY A 71 0.42 -9.12 9.72
CA GLY A 71 0.99 -10.44 9.45
C GLY A 71 2.24 -10.75 10.24
N GLY A 72 2.82 -9.77 10.94
CA GLY A 72 4.01 -9.97 11.73
C GLY A 72 3.74 -10.66 13.04
N SER A 73 4.53 -10.33 14.06
CA SER A 73 4.43 -10.93 15.39
C SER A 73 4.62 -9.82 16.42
N LYS A 74 3.51 -9.16 16.78
CA LYS A 74 3.51 -8.09 17.78
C LYS A 74 4.52 -7.01 17.43
N HIS A 75 5.71 -7.09 18.02
CA HIS A 75 6.77 -6.10 17.77
C HIS A 75 7.60 -6.58 16.58
N ARG A 76 7.06 -6.34 15.39
CA ARG A 76 7.74 -6.72 14.16
C ARG A 76 7.88 -5.55 13.21
N PHE A 77 6.76 -4.87 12.94
CA PHE A 77 6.73 -3.78 11.97
C PHE A 77 6.40 -2.46 12.64
N GLU A 78 6.86 -1.38 12.02
CA GLU A 78 6.50 -0.01 12.41
C GLU A 78 5.74 0.62 11.26
N ILE A 79 4.49 0.99 11.51
CA ILE A 79 3.60 1.46 10.45
C ILE A 79 3.94 2.90 10.10
N ILE A 80 4.33 3.13 8.85
CA ILE A 80 4.63 4.47 8.36
C ILE A 80 3.48 5.03 7.53
N GLU A 81 2.90 4.21 6.66
CA GLU A 81 1.76 4.66 5.87
C GLU A 81 0.55 4.88 6.76
N GLY A 82 -0.23 5.91 6.45
CA GLY A 82 -1.37 6.28 7.26
C GLY A 82 -1.09 7.36 8.29
N ARG A 83 0.17 7.70 8.50
CA ARG A 83 0.54 8.80 9.39
C ARG A 83 0.64 10.10 8.58
N ASP A 84 0.52 11.22 9.28
CA ASP A 84 0.70 12.51 8.65
C ASP A 84 2.15 12.68 8.20
N ARG A 85 2.34 13.50 7.16
CA ARG A 85 3.65 13.65 6.54
C ARG A 85 4.73 14.01 7.55
N ILE A 86 4.47 15.04 8.36
CA ILE A 86 5.46 15.48 9.35
C ILE A 86 5.64 14.39 10.41
N MET A 87 4.57 13.68 10.76
CA MET A 87 4.66 12.61 11.75
C MET A 87 5.28 11.36 11.14
N ALA A 88 4.84 10.97 9.95
CA ALA A 88 5.40 9.79 9.29
C ALA A 88 6.89 9.92 9.06
N TRP A 89 7.37 11.13 8.79
CA TRP A 89 8.80 11.34 8.66
C TRP A 89 9.50 11.22 10.01
N THR A 90 8.93 11.86 11.05
CA THR A 90 9.56 11.85 12.37
C THR A 90 9.89 10.44 12.84
N VAL A 91 9.04 9.46 12.50
CA VAL A 91 9.35 8.07 12.85
C VAL A 91 10.49 7.53 12.01
N VAL A 92 10.64 8.02 10.77
CA VAL A 92 11.73 7.56 9.91
C VAL A 92 13.07 8.03 10.46
N ASN A 93 13.15 9.30 10.86
CA ASN A 93 14.38 9.81 11.47
C ASN A 93 14.69 9.09 12.77
N SER A 94 13.67 8.78 13.57
CA SER A 94 13.90 8.07 14.83
C SER A 94 14.38 6.64 14.57
N ILE A 95 13.86 6.01 13.53
CA ILE A 95 14.32 4.66 13.19
C ILE A 95 15.75 4.70 12.68
N CYS A 96 16.08 5.69 11.86
CA CYS A 96 17.43 5.78 11.29
C CYS A 96 18.45 6.16 12.35
N ASN A 97 18.12 7.14 13.19
CA ASN A 97 19.07 7.62 14.19
C ASN A 97 19.30 6.63 15.32
N THR A 98 18.51 5.57 15.42
CA THR A 98 18.67 4.57 16.47
C THR A 98 19.24 3.25 15.97
N THR A 99 19.02 2.90 14.71
CA THR A 99 19.57 1.67 14.14
C THR A 99 20.81 1.92 13.30
N GLY A 100 20.94 3.09 12.68
CA GLY A 100 22.06 3.39 11.81
C GLY A 100 21.77 3.19 10.34
N VAL A 101 20.54 2.84 9.96
CA VAL A 101 20.20 2.63 8.56
C VAL A 101 20.13 3.98 7.85
N GLU A 102 20.57 4.01 6.60
CA GLU A 102 20.54 5.24 5.81
C GLU A 102 19.10 5.71 5.62
N LYS A 103 18.92 7.03 5.64
CA LYS A 103 17.58 7.59 5.51
C LYS A 103 17.08 7.45 4.08
N PRO A 104 15.87 6.93 3.87
CA PRO A 104 15.37 6.79 2.50
C PRO A 104 15.01 8.14 1.90
N LYS A 105 15.02 8.19 0.56
CA LYS A 105 14.72 9.43 -0.14
C LYS A 105 13.23 9.74 -0.11
N PHE A 106 12.39 8.74 -0.27
CA PHE A 106 10.95 8.91 -0.29
C PHE A 106 10.31 8.11 0.85
N LEU A 107 9.12 8.55 1.25
CA LEU A 107 8.43 7.94 2.38
C LEU A 107 8.10 6.47 2.10
N PRO A 108 8.57 5.55 2.92
CA PRO A 108 8.18 4.14 2.75
C PRO A 108 6.85 3.84 3.44
N ASP A 109 6.50 2.56 3.55
CA ASP A 109 5.25 2.16 4.19
C ASP A 109 5.45 1.47 5.53
N LEU A 110 6.51 0.70 5.70
CA LEU A 110 6.76 -0.02 6.94
C LEU A 110 8.25 0.00 7.23
N TYR A 111 8.60 -0.50 8.42
CA TYR A 111 9.99 -0.79 8.78
C TYR A 111 10.02 -2.15 9.47
N ASP A 112 10.78 -3.08 8.92
CA ASP A 112 10.90 -4.42 9.49
C ASP A 112 11.94 -4.39 10.60
N TYR A 113 11.49 -4.49 11.86
CA TYR A 113 12.43 -4.51 12.98
C TYR A 113 13.26 -5.78 13.01
N LYS A 114 12.81 -6.84 12.33
CA LYS A 114 13.55 -8.10 12.29
C LYS A 114 14.60 -8.13 11.18
N GLU A 115 14.40 -7.36 10.11
CA GLU A 115 15.31 -7.35 8.97
C GLU A 115 16.09 -6.06 8.83
N ASN A 116 15.82 -5.05 9.68
CA ASN A 116 16.58 -3.80 9.67
C ASN A 116 16.52 -3.12 8.31
N ARG A 117 15.31 -3.02 7.76
CA ARG A 117 15.12 -2.42 6.45
C ARG A 117 13.68 -1.90 6.33
N PHE A 118 13.51 -0.87 5.51
CA PHE A 118 12.18 -0.37 5.21
C PHE A 118 11.54 -1.19 4.10
N ILE A 119 10.21 -1.16 4.06
CA ILE A 119 9.44 -1.92 3.08
C ILE A 119 8.55 -0.96 2.31
N GLU A 120 8.57 -1.08 0.98
CA GLU A 120 7.68 -0.33 0.10
C GLU A 120 6.67 -1.31 -0.47
N ILE A 121 5.38 -1.02 -0.24
CA ILE A 121 4.29 -1.91 -0.64
C ILE A 121 3.56 -1.27 -1.80
N GLY A 122 3.46 -2.01 -2.91
CA GLY A 122 2.75 -1.55 -4.08
C GLY A 122 1.60 -2.46 -4.43
N VAL A 123 0.53 -1.87 -4.95
CA VAL A 123 -0.64 -2.61 -5.42
C VAL A 123 -0.98 -2.05 -6.80
N THR A 124 -0.73 -2.83 -7.84
CA THR A 124 -0.90 -2.39 -9.20
C THR A 124 -2.02 -3.16 -9.89
N ARG A 125 -2.55 -2.56 -10.96
CA ARG A 125 -3.54 -3.20 -11.80
C ARG A 125 -2.94 -3.86 -13.04
N ARG A 126 -1.69 -3.54 -13.38
CA ARG A 126 -0.98 -4.18 -14.47
C ARG A 126 -0.32 -5.45 -13.97
N GLU A 127 0.58 -6.02 -14.77
CA GLU A 127 1.30 -7.21 -14.33
C GLU A 127 2.29 -6.84 -13.23
N VAL A 128 2.70 -7.85 -12.47
CA VAL A 128 3.37 -7.63 -11.19
C VAL A 128 4.76 -6.99 -11.37
N HIS A 129 5.40 -7.22 -12.51
CA HIS A 129 6.82 -6.89 -12.62
C HIS A 129 7.11 -5.56 -13.30
N ILE A 130 6.13 -4.92 -13.94
CA ILE A 130 6.38 -3.58 -14.45
C ILE A 130 6.23 -2.54 -13.35
N TYR A 131 5.33 -2.78 -12.38
CA TYR A 131 5.20 -1.85 -11.26
C TYR A 131 6.43 -1.92 -10.35
N TYR A 132 7.00 -3.12 -10.18
CA TYR A 132 8.26 -3.24 -9.46
C TYR A 132 9.36 -2.45 -10.16
N LEU A 133 9.46 -2.58 -11.49
CA LEU A 133 10.39 -1.76 -12.25
C LEU A 133 10.15 -0.29 -12.01
N GLU A 134 8.90 0.16 -12.18
CA GLU A 134 8.56 1.56 -11.94
C GLU A 134 8.95 2.00 -10.53
N LYS A 135 8.75 1.13 -9.54
CA LYS A 135 9.13 1.45 -8.18
C LYS A 135 10.63 1.30 -7.94
N ALA A 136 11.34 0.58 -8.80
CA ALA A 136 12.77 0.40 -8.62
C ALA A 136 13.56 1.59 -9.17
N ASN A 137 13.13 2.16 -10.30
CA ASN A 137 13.85 3.34 -10.81
C ASN A 137 13.63 4.54 -9.91
N LYS A 138 12.44 4.67 -9.32
CA LYS A 138 12.17 5.80 -8.43
C LYS A 138 12.99 5.68 -7.15
N ILE A 139 12.99 4.51 -6.53
CA ILE A 139 13.70 4.27 -5.27
C ILE A 139 15.20 4.38 -5.51
N LYS A 140 15.83 3.25 -5.86
CA LYS A 140 17.27 3.18 -6.09
C LYS A 140 18.04 3.68 -4.86
N SER A 141 17.49 3.44 -3.68
CA SER A 141 18.11 3.89 -2.44
C SER A 141 19.21 2.92 -2.00
N GLU A 142 18.85 1.97 -1.14
CA GLU A 142 19.83 1.01 -0.65
C GLU A 142 19.15 -0.30 -0.26
N LYS A 143 18.99 -0.54 1.05
CA LYS A 143 18.39 -1.76 1.55
C LYS A 143 16.87 -1.69 1.66
N THR A 144 16.25 -0.68 1.05
CA THR A 144 14.80 -0.55 1.12
C THR A 144 14.13 -1.68 0.35
N HIS A 145 13.39 -2.53 1.05
CA HIS A 145 12.76 -3.69 0.44
C HIS A 145 11.51 -3.28 -0.33
N ILE A 146 11.28 -3.94 -1.46
CA ILE A 146 10.12 -3.69 -2.32
C ILE A 146 9.28 -4.96 -2.35
N HIS A 147 7.98 -4.82 -2.09
CA HIS A 147 7.04 -5.93 -2.12
C HIS A 147 5.82 -5.48 -2.92
N ILE A 148 5.53 -6.20 -4.00
CA ILE A 148 4.47 -5.82 -4.94
C ILE A 148 3.37 -6.88 -4.91
N PHE A 149 2.12 -6.42 -4.89
CA PHE A 149 0.95 -7.27 -5.02
C PHE A 149 0.14 -6.82 -6.23
N SER A 150 -0.59 -7.76 -6.82
CA SER A 150 -1.39 -7.50 -8.00
C SER A 150 -2.81 -8.00 -7.80
N PHE A 151 -3.74 -7.38 -8.52
CA PHE A 151 -5.14 -7.83 -8.48
C PHE A 151 -5.32 -9.17 -9.17
N THR A 152 -4.39 -9.58 -10.02
CA THR A 152 -4.48 -10.89 -10.67
C THR A 152 -4.18 -12.03 -9.71
N GLY A 153 -3.48 -11.75 -8.61
CA GLY A 153 -3.16 -12.77 -7.63
C GLY A 153 -1.68 -13.09 -7.49
N GLU A 154 -0.82 -12.47 -8.28
CA GLU A 154 0.61 -12.72 -8.23
C GLU A 154 1.32 -11.72 -7.33
N GLU A 155 2.59 -11.99 -7.06
CA GLU A 155 3.38 -11.14 -6.18
C GLU A 155 4.85 -11.24 -6.57
N MET A 156 5.64 -10.29 -6.07
CA MET A 156 7.06 -10.22 -6.41
C MET A 156 7.75 -9.34 -5.38
N ALA A 157 8.87 -9.81 -4.84
CA ALA A 157 9.59 -9.08 -3.81
C ALA A 157 11.09 -9.11 -4.11
N THR A 158 11.82 -8.26 -3.39
CA THR A 158 13.26 -8.15 -3.58
C THR A 158 13.97 -9.41 -3.12
N LYS A 159 14.91 -9.89 -3.94
CA LYS A 159 15.73 -11.07 -3.65
C LYS A 159 14.88 -12.31 -3.41
N ALA A 160 13.65 -12.33 -3.92
CA ALA A 160 12.66 -13.36 -3.62
C ALA A 160 12.43 -13.51 -2.13
N ASP A 161 12.76 -12.49 -1.34
CA ASP A 161 12.55 -12.49 0.10
C ASP A 161 11.20 -11.84 0.36
N TYR A 162 10.18 -12.66 0.55
CA TYR A 162 8.81 -12.18 0.71
C TYR A 162 8.47 -11.83 2.15
N THR A 163 9.46 -11.77 3.04
CA THR A 163 9.31 -11.24 4.39
C THR A 163 8.33 -12.04 5.24
N LEU A 164 7.06 -12.07 4.83
CA LEU A 164 6.04 -12.77 5.58
C LEU A 164 5.93 -14.22 5.12
N ASP A 165 5.16 -15.01 5.86
CA ASP A 165 4.93 -16.39 5.49
C ASP A 165 3.88 -16.48 4.39
N GLU A 166 3.67 -17.70 3.89
CA GLU A 166 2.75 -17.89 2.77
C GLU A 166 1.30 -17.65 3.17
N GLU A 167 0.94 -17.94 4.42
CA GLU A 167 -0.46 -17.85 4.82
C GLU A 167 -0.94 -16.40 4.90
N SER A 168 -0.07 -15.49 5.34
CA SER A 168 -0.46 -14.09 5.44
C SER A 168 -0.58 -13.44 4.07
N ARG A 169 0.36 -13.73 3.17
CA ARG A 169 0.33 -13.14 1.84
C ARG A 169 -0.82 -13.68 1.01
N ALA A 170 -1.29 -14.88 1.30
CA ALA A 170 -2.42 -15.44 0.58
C ALA A 170 -3.70 -14.69 0.91
N ARG A 171 -3.85 -14.24 2.17
CA ARG A 171 -5.01 -13.45 2.55
C ARG A 171 -5.07 -12.15 1.78
N ILE A 172 -3.92 -11.49 1.61
CA ILE A 172 -3.88 -10.23 0.87
C ILE A 172 -4.31 -10.45 -0.58
N LYS A 173 -3.81 -11.51 -1.20
CA LYS A 173 -4.20 -11.80 -2.58
C LYS A 173 -5.68 -12.13 -2.69
N THR A 174 -6.21 -12.91 -1.74
CA THR A 174 -7.63 -13.24 -1.75
C THR A 174 -8.49 -11.99 -1.63
N ARG A 175 -8.16 -11.12 -0.68
CA ARG A 175 -8.92 -9.89 -0.50
C ARG A 175 -8.80 -8.99 -1.73
N LEU A 176 -7.62 -8.94 -2.34
CA LEU A 176 -7.43 -8.14 -3.54
C LEU A 176 -8.34 -8.61 -4.66
N PHE A 177 -8.46 -9.92 -4.86
CA PHE A 177 -9.33 -10.44 -5.90
C PHE A 177 -10.80 -10.28 -5.53
N THR A 178 -11.12 -10.21 -4.24
CA THR A 178 -12.49 -9.96 -3.83
C THR A 178 -12.93 -8.56 -4.23
N ILE A 179 -12.05 -7.57 -4.07
CA ILE A 179 -12.37 -6.21 -4.47
C ILE A 179 -12.51 -6.11 -6.00
N ARG A 180 -11.68 -6.86 -6.73
CA ARG A 180 -11.77 -6.85 -8.19
C ARG A 180 -13.10 -7.41 -8.66
N GLN A 181 -13.61 -8.44 -7.96
CA GLN A 181 -14.89 -9.02 -8.33
C GLN A 181 -16.04 -8.04 -8.06
N GLU A 182 -16.02 -7.37 -6.90
CA GLU A 182 -17.09 -6.43 -6.57
C GLU A 182 -17.07 -5.24 -7.51
N MET A 183 -15.90 -4.81 -7.97
CA MET A 183 -15.83 -3.73 -8.93
C MET A 183 -16.41 -4.14 -10.27
N ALA A 184 -16.07 -5.33 -10.76
CA ALA A 184 -16.58 -5.80 -12.03
C ALA A 184 -18.09 -6.04 -11.98
N SER A 185 -18.60 -6.48 -10.83
CA SER A 185 -20.04 -6.67 -10.69
C SER A 185 -20.81 -5.36 -10.81
N ARG A 186 -20.16 -4.23 -10.54
CA ARG A 186 -20.77 -2.91 -10.69
C ARG A 186 -20.25 -2.16 -11.91
N SER A 187 -19.55 -2.86 -12.80
CA SER A 187 -19.03 -2.28 -14.05
C SER A 187 -18.06 -1.13 -13.78
N LEU A 188 -17.40 -1.15 -12.62
CA LEU A 188 -16.44 -0.12 -12.26
C LEU A 188 -15.00 -0.59 -12.39
N TRP A 189 -14.76 -1.88 -12.64
CA TRP A 189 -13.40 -2.40 -12.70
C TRP A 189 -12.69 -2.00 -13.99
N ASP A 190 -13.42 -1.91 -15.10
CA ASP A 190 -12.79 -1.58 -16.38
C ASP A 190 -12.21 -0.17 -16.35
N SER A 191 -12.92 0.78 -15.74
CA SER A 191 -12.38 2.13 -15.60
C SER A 191 -11.26 2.18 -14.57
N PHE A 192 -11.27 1.26 -13.60
CA PHE A 192 -10.23 1.24 -12.59
C PHE A 192 -8.90 0.78 -13.17
N ARG A 193 -8.93 -0.24 -14.04
CA ARG A 193 -7.70 -0.77 -14.62
C ARG A 193 -7.05 0.20 -15.61
N GLN A 194 -7.82 1.15 -16.15
CA GLN A 194 -7.27 2.07 -17.14
C GLN A 194 -6.32 3.06 -16.50
N SER A 195 -6.81 3.87 -15.57
CA SER A 195 -6.00 4.89 -14.92
C SER A 195 -5.02 4.25 -13.92
#